data_6YJB
#
_entry.id   6YJB
#
_cell.length_a   128.685
_cell.length_b   128.685
_cell.length_c   110.895
_cell.angle_alpha   90.000
_cell.angle_beta   90.000
_cell.angle_gamma   120.000
#
_symmetry.space_group_name_H-M   'P 62 2 2'
#
loop_
_entity.id
_entity.type
_entity.pdbx_description
1 polymer 'HNH endonuclease'
2 polymer "DNA (5'-D(*CP*AP*(5HC)P*AP*G)-3')"
3 non-polymer 'SULFATE ION'
4 non-polymer GLYCEROL
5 non-polymer 'CHLORIDE ION'
6 water water
#
loop_
_entity_poly.entity_id
_entity_poly.type
_entity_poly.pdbx_seq_one_letter_code
_entity_poly.pdbx_strand_id
1 'polypeptide(L)'
;MNYWWVSQKQTFKQEFEGGYMWSPKENKNGTQSHYYNNMTLVQPGDVVFSFANGLILSVGIARSHAYSYNKPTEFGVAGA
DWANDGWKIDLEYHLVENKIRPKAHIDFIRPYLPQKYSPLQDNGNGNQAYLFSVPHELASKVVELIGSEAEEVIFGFADT
TEITTTADAIECQISNDASIDETEKHQLVKSRRGQGIFRSRLEQVESRCRVTGVQLKNHLIASHIKPWAVSNNQERLDGH
NGLLLAPHVDHLFDKGFISFEDNGEMIVSEKLNLDVLKAWSISQGNYGYFSKQQQEYMCYHRENVFKKL
;
A
2 'polydeoxyribonucleotide' (DC)(DA)(5HC)(DA)(DG) B
#
# COMPACT_ATOMS: atom_id res chain seq x y z
N MET A 1 0.73 -7.45 -3.22
CA MET A 1 0.59 -6.20 -4.05
C MET A 1 1.22 -6.47 -5.41
N ASN A 2 0.58 -6.02 -6.48
N ASN A 2 0.56 -6.03 -6.48
CA ASN A 2 1.10 -6.23 -7.84
CA ASN A 2 1.00 -6.21 -7.88
C ASN A 2 1.53 -4.88 -8.42
C ASN A 2 1.55 -4.87 -8.39
N TYR A 3 2.43 -4.96 -9.39
CA TYR A 3 2.91 -3.80 -10.16
C TYR A 3 2.39 -3.92 -11.58
N TRP A 4 2.11 -2.77 -12.17
CA TRP A 4 1.59 -2.61 -13.53
C TRP A 4 2.33 -1.48 -14.24
N TRP A 5 2.34 -1.58 -15.55
CA TRP A 5 2.86 -0.55 -16.48
C TRP A 5 1.72 -0.15 -17.41
N VAL A 6 1.34 1.12 -17.37
CA VAL A 6 0.27 1.62 -18.24
C VAL A 6 0.90 2.58 -19.24
N SER A 7 0.69 2.29 -20.52
CA SER A 7 1.24 3.08 -21.63
C SER A 7 0.17 4.06 -22.07
N GLN A 8 0.47 5.35 -21.92
CA GLN A 8 -0.55 6.42 -22.01
C GLN A 8 -0.09 7.50 -22.98
N LYS A 9 0.65 7.18 -24.03
CA LYS A 9 1.16 8.26 -24.89
C LYS A 9 0.00 9.03 -25.53
N GLN A 10 -1.10 8.37 -25.86
CA GLN A 10 -2.19 9.04 -26.63
C GLN A 10 -3.01 9.95 -25.72
N THR A 11 -3.18 9.60 -24.45
CA THR A 11 -4.17 10.27 -23.58
C THR A 11 -3.65 10.60 -22.19
N PHE A 12 -2.34 10.63 -21.95
CA PHE A 12 -1.81 10.81 -20.58
C PHE A 12 -2.45 12.02 -19.89
N LYS A 13 -2.49 13.20 -20.53
N LYS A 13 -2.50 13.19 -20.55
CA LYS A 13 -2.94 14.42 -19.81
CA LYS A 13 -3.00 14.44 -19.90
C LYS A 13 -4.38 14.21 -19.33
C LYS A 13 -4.42 14.20 -19.40
N GLN A 14 -5.25 13.64 -20.16
N GLN A 14 -5.29 13.62 -20.24
CA GLN A 14 -6.67 13.44 -19.78
CA GLN A 14 -6.71 13.35 -19.87
C GLN A 14 -6.76 12.42 -18.62
C GLN A 14 -6.76 12.42 -18.66
N GLU A 15 -5.97 11.35 -18.67
CA GLU A 15 -6.04 10.29 -17.62
C GLU A 15 -5.48 10.84 -16.31
N PHE A 16 -4.39 11.58 -16.38
CA PHE A 16 -3.78 12.22 -15.19
C PHE A 16 -4.77 13.24 -14.63
N GLU A 17 -5.30 14.13 -15.46
CA GLU A 17 -6.18 15.21 -14.93
C GLU A 17 -7.45 14.62 -14.33
N GLY A 18 -7.94 13.49 -14.86
CA GLY A 18 -9.16 12.86 -14.35
C GLY A 18 -8.91 11.86 -13.25
N GLY A 19 -7.66 11.53 -12.94
CA GLY A 19 -7.32 10.53 -11.92
C GLY A 19 -7.80 9.13 -12.28
N TYR A 20 -7.62 8.72 -13.53
CA TYR A 20 -8.13 7.40 -13.96
C TYR A 20 -7.21 6.71 -14.96
N MET A 21 -7.48 5.42 -15.11
N MET A 21 -7.47 5.41 -15.12
CA MET A 21 -7.10 4.60 -16.30
CA MET A 21 -7.07 4.59 -16.29
C MET A 21 -8.41 4.22 -17.00
C MET A 21 -8.37 4.13 -16.98
N TRP A 22 -8.36 4.04 -18.30
CA TRP A 22 -9.54 3.58 -19.06
C TRP A 22 -9.05 2.76 -20.24
N SER A 23 -9.73 1.66 -20.51
CA SER A 23 -9.54 0.90 -21.78
C SER A 23 -10.90 0.40 -22.24
N PRO A 24 -11.01 0.02 -23.53
CA PRO A 24 -12.17 -0.76 -23.94
C PRO A 24 -12.18 -2.10 -23.22
N LYS A 25 -13.32 -2.79 -23.23
N LYS A 25 -13.31 -2.79 -23.24
CA LYS A 25 -13.41 -4.16 -22.68
CA LYS A 25 -13.40 -4.16 -22.69
C LYS A 25 -12.87 -5.15 -23.71
C LYS A 25 -12.87 -5.16 -23.72
N GLU A 26 -12.99 -4.84 -25.01
CA GLU A 26 -12.56 -5.74 -26.11
C GLU A 26 -11.92 -4.92 -27.22
N ASN A 27 -11.19 -5.60 -28.11
CA ASN A 27 -10.64 -4.99 -29.32
C ASN A 27 -11.81 -4.48 -30.16
N LYS A 28 -11.53 -3.58 -31.10
N LYS A 28 -11.57 -3.57 -31.10
CA LYS A 28 -12.56 -2.92 -31.96
CA LYS A 28 -12.66 -2.93 -31.88
C LYS A 28 -13.40 -4.00 -32.66
C LYS A 28 -13.41 -4.00 -32.68
N ASN A 29 -12.76 -5.11 -33.06
CA ASN A 29 -13.43 -6.21 -33.81
C ASN A 29 -14.17 -7.17 -32.88
N GLY A 30 -14.26 -6.89 -31.58
CA GLY A 30 -15.02 -7.71 -30.61
C GLY A 30 -14.18 -8.83 -30.02
N THR A 31 -12.92 -8.98 -30.40
CA THR A 31 -12.05 -10.05 -29.86
C THR A 31 -11.52 -9.65 -28.47
N GLN A 32 -11.20 -10.64 -27.66
CA GLN A 32 -10.60 -10.45 -26.32
C GLN A 32 -9.19 -9.87 -26.47
N SER A 33 -8.83 -8.99 -25.54
CA SER A 33 -7.46 -8.44 -25.38
C SER A 33 -6.87 -8.88 -24.05
N HIS A 34 -5.67 -9.44 -24.05
CA HIS A 34 -4.95 -9.76 -22.79
C HIS A 34 -4.76 -8.47 -21.99
N TYR A 35 -4.47 -7.38 -22.70
CA TYR A 35 -4.11 -6.09 -22.09
C TYR A 35 -5.34 -5.46 -21.43
N TYR A 36 -6.47 -5.43 -22.14
CA TYR A 36 -7.73 -4.90 -21.57
C TYR A 36 -8.19 -5.82 -20.43
N ASN A 37 -8.01 -7.13 -20.57
CA ASN A 37 -8.42 -8.07 -19.50
C ASN A 37 -7.56 -7.82 -18.25
N ASN A 38 -6.33 -7.32 -18.39
CA ASN A 38 -5.50 -6.94 -17.21
C ASN A 38 -6.24 -5.91 -16.35
N MET A 39 -7.09 -5.07 -16.93
CA MET A 39 -7.81 -4.05 -16.13
C MET A 39 -8.60 -4.73 -15.01
N THR A 40 -9.14 -5.93 -15.29
CA THR A 40 -10.02 -6.67 -14.34
C THR A 40 -9.17 -7.37 -13.27
N LEU A 41 -7.84 -7.34 -13.38
CA LEU A 41 -6.95 -7.99 -12.38
C LEU A 41 -6.35 -6.96 -11.41
N VAL A 42 -6.41 -5.67 -11.75
CA VAL A 42 -5.84 -4.62 -10.87
C VAL A 42 -6.61 -4.58 -9.56
N GLN A 43 -5.89 -4.54 -8.45
CA GLN A 43 -6.46 -4.44 -7.09
C GLN A 43 -6.15 -3.08 -6.50
N PRO A 44 -7.04 -2.51 -5.66
CA PRO A 44 -6.69 -1.34 -4.86
C PRO A 44 -5.35 -1.57 -4.14
N GLY A 45 -4.47 -0.57 -4.22
CA GLY A 45 -3.15 -0.60 -3.60
C GLY A 45 -2.08 -1.02 -4.57
N ASP A 46 -2.44 -1.58 -5.73
CA ASP A 46 -1.43 -1.96 -6.74
C ASP A 46 -0.74 -0.70 -7.27
N VAL A 47 0.54 -0.82 -7.60
CA VAL A 47 1.34 0.31 -8.07
C VAL A 47 1.37 0.26 -9.58
N VAL A 48 1.15 1.42 -10.20
CA VAL A 48 1.04 1.55 -11.66
C VAL A 48 2.04 2.61 -12.13
N PHE A 49 2.99 2.20 -12.95
CA PHE A 49 3.93 3.13 -13.62
C PHE A 49 3.27 3.66 -14.87
N SER A 50 3.14 4.98 -14.98
CA SER A 50 2.64 5.67 -16.21
C SER A 50 3.80 5.90 -17.16
N PHE A 51 3.69 5.39 -18.37
CA PHE A 51 4.71 5.54 -19.43
C PHE A 51 4.13 6.30 -20.62
N ALA A 52 4.67 7.48 -20.90
CA ALA A 52 4.17 8.33 -21.99
C ALA A 52 5.32 9.16 -22.55
N ASN A 53 5.37 9.28 -23.88
CA ASN A 53 6.43 10.06 -24.58
C ASN A 53 7.79 9.51 -24.17
N GLY A 54 7.87 8.19 -23.96
CA GLY A 54 9.14 7.48 -23.70
C GLY A 54 9.60 7.60 -22.27
N LEU A 55 8.80 8.23 -21.40
CA LEU A 55 9.22 8.52 -20.00
C LEU A 55 8.24 7.91 -19.00
N ILE A 56 8.73 7.57 -17.81
N ILE A 56 8.75 7.52 -17.84
CA ILE A 56 7.84 7.18 -16.68
CA ILE A 56 7.89 7.19 -16.67
C ILE A 56 7.52 8.44 -15.88
C ILE A 56 7.54 8.52 -15.98
N LEU A 57 6.25 8.85 -15.93
CA LEU A 57 5.81 10.18 -15.43
C LEU A 57 5.17 10.10 -14.05
N SER A 58 4.70 8.94 -13.64
CA SER A 58 3.97 8.79 -12.38
C SER A 58 4.19 7.39 -11.85
N VAL A 59 4.23 7.31 -10.52
CA VAL A 59 4.13 6.04 -9.76
C VAL A 59 2.80 6.13 -9.03
N GLY A 60 1.75 5.54 -9.60
CA GLY A 60 0.36 5.69 -9.14
C GLY A 60 -0.04 4.55 -8.25
N ILE A 61 -1.08 4.78 -7.45
CA ILE A 61 -1.70 3.74 -6.61
C ILE A 61 -3.14 3.54 -7.07
N ALA A 62 -3.50 2.33 -7.45
CA ALA A 62 -4.89 2.00 -7.83
C ALA A 62 -5.80 2.18 -6.61
N ARG A 63 -6.95 2.85 -6.77
CA ARG A 63 -7.88 3.07 -5.65
C ARG A 63 -9.24 2.41 -5.91
N SER A 64 -9.41 1.68 -6.99
CA SER A 64 -10.64 0.92 -7.27
C SER A 64 -10.28 -0.36 -8.00
N HIS A 65 -11.20 -1.31 -8.04
CA HIS A 65 -11.23 -2.33 -9.11
C HIS A 65 -11.73 -1.67 -10.39
N ALA A 66 -11.55 -2.32 -11.51
CA ALA A 66 -12.15 -1.86 -12.77
C ALA A 66 -13.67 -1.82 -12.63
N TYR A 67 -14.28 -0.78 -13.16
CA TYR A 67 -15.76 -0.66 -13.21
C TYR A 67 -16.16 -0.30 -14.62
N SER A 68 -17.31 -0.82 -15.08
N SER A 68 -17.33 -0.78 -15.05
CA SER A 68 -17.83 -0.56 -16.44
CA SER A 68 -17.87 -0.56 -16.42
C SER A 68 -18.11 0.94 -16.60
C SER A 68 -18.18 0.93 -16.63
N TYR A 69 -17.52 1.55 -17.65
CA TYR A 69 -17.67 2.99 -17.87
C TYR A 69 -17.42 3.31 -19.33
N ASN A 70 -18.17 4.30 -19.81
N ASN A 70 -18.18 4.29 -19.82
CA ASN A 70 -18.04 4.80 -21.19
CA ASN A 70 -18.09 4.85 -21.19
C ASN A 70 -16.67 5.44 -21.38
C ASN A 70 -16.71 5.48 -21.40
N LYS A 71 -16.18 5.34 -22.61
CA LYS A 71 -14.97 6.04 -23.05
C LYS A 71 -15.09 7.52 -22.69
N PRO A 72 -14.07 8.09 -22.04
CA PRO A 72 -14.11 9.51 -21.73
C PRO A 72 -14.31 10.39 -22.98
N THR A 73 -15.26 11.31 -22.88
N THR A 73 -15.26 11.31 -22.92
CA THR A 73 -15.58 12.26 -23.97
CA THR A 73 -15.53 12.21 -24.07
C THR A 73 -14.35 13.11 -24.29
C THR A 73 -14.30 13.08 -24.33
N GLU A 74 -13.51 13.40 -23.30
CA GLU A 74 -12.35 14.31 -23.46
C GLU A 74 -11.22 13.65 -24.29
N PHE A 75 -11.31 12.36 -24.61
CA PHE A 75 -10.31 11.74 -25.51
C PHE A 75 -10.41 12.35 -26.91
N GLY A 76 -11.62 12.62 -27.38
CA GLY A 76 -11.84 13.14 -28.74
C GLY A 76 -11.16 12.29 -29.79
N VAL A 77 -10.58 12.94 -30.80
N VAL A 77 -10.59 12.91 -30.82
CA VAL A 77 -10.03 12.27 -32.00
CA VAL A 77 -10.12 12.12 -32.00
C VAL A 77 -8.95 11.24 -31.61
C VAL A 77 -8.92 11.22 -31.63
N ALA A 78 -8.16 11.57 -30.57
CA ALA A 78 -7.04 10.74 -30.07
C ALA A 78 -7.58 9.37 -29.63
N GLY A 79 -8.86 9.26 -29.27
CA GLY A 79 -9.45 7.98 -28.82
C GLY A 79 -10.47 7.42 -29.78
N ALA A 80 -10.52 7.93 -31.02
CA ALA A 80 -11.66 7.69 -31.94
C ALA A 80 -11.87 6.20 -32.20
N ASP A 81 -10.80 5.42 -32.33
CA ASP A 81 -10.87 3.99 -32.76
C ASP A 81 -11.22 3.04 -31.61
N TRP A 82 -11.25 3.50 -30.36
CA TRP A 82 -11.60 2.63 -29.21
C TRP A 82 -13.10 2.52 -29.06
N ALA A 83 -13.59 1.33 -28.76
CA ALA A 83 -15.02 1.08 -28.49
C ALA A 83 -15.45 1.92 -27.29
N ASN A 84 -16.71 2.30 -27.23
CA ASN A 84 -17.22 3.13 -26.11
C ASN A 84 -17.40 2.30 -24.85
N ASP A 85 -17.66 1.00 -24.97
CA ASP A 85 -17.86 0.12 -23.79
C ASP A 85 -16.50 -0.22 -23.18
N GLY A 86 -16.21 0.28 -21.99
CA GLY A 86 -14.87 0.16 -21.40
C GLY A 86 -14.85 -0.18 -19.92
N TRP A 87 -13.63 -0.20 -19.42
CA TRP A 87 -13.29 -0.38 -17.99
C TRP A 87 -12.60 0.89 -17.52
N LYS A 88 -12.99 1.38 -16.35
CA LYS A 88 -12.32 2.52 -15.70
C LYS A 88 -11.73 2.06 -14.36
N ILE A 89 -10.56 2.58 -14.02
CA ILE A 89 -9.94 2.41 -12.67
C ILE A 89 -9.60 3.79 -12.14
N ASP A 90 -9.92 4.03 -10.88
CA ASP A 90 -9.49 5.28 -10.20
C ASP A 90 -8.03 5.11 -9.79
N LEU A 91 -7.16 5.92 -10.38
CA LEU A 91 -5.70 5.80 -10.19
C LEU A 91 -5.24 7.09 -9.50
N GLU A 92 -4.67 6.95 -8.33
CA GLU A 92 -4.07 8.06 -7.55
C GLU A 92 -2.67 8.33 -8.11
N TYR A 93 -2.57 9.32 -8.98
CA TYR A 93 -1.29 9.68 -9.62
C TYR A 93 -0.34 10.31 -8.60
N HIS A 94 0.94 9.99 -8.72
CA HIS A 94 2.02 10.69 -7.99
C HIS A 94 3.08 11.03 -9.03
N LEU A 95 3.11 12.27 -9.48
CA LEU A 95 4.09 12.70 -10.52
C LEU A 95 5.49 12.62 -9.91
N VAL A 96 6.45 12.19 -10.71
CA VAL A 96 7.86 12.10 -10.25
C VAL A 96 8.68 13.22 -10.89
N GLU A 97 9.64 13.72 -10.14
N GLU A 97 9.60 13.78 -10.11
CA GLU A 97 10.63 14.71 -10.65
CA GLU A 97 10.67 14.69 -10.58
C GLU A 97 11.59 13.99 -11.59
C GLU A 97 11.49 13.94 -11.63
N ASN A 98 12.06 12.80 -11.23
CA ASN A 98 13.00 12.03 -12.07
C ASN A 98 12.14 11.19 -13.03
N LYS A 99 11.90 11.73 -14.22
N LYS A 99 11.93 11.70 -14.24
CA LYS A 99 11.16 11.04 -15.31
CA LYS A 99 11.14 11.04 -15.30
C LYS A 99 12.18 10.18 -16.04
C LYS A 99 12.08 10.15 -16.11
N ILE A 100 12.29 8.92 -15.67
CA ILE A 100 13.30 8.04 -16.31
C ILE A 100 12.85 7.72 -17.74
N ARG A 101 13.84 7.59 -18.61
CA ARG A 101 13.63 7.14 -20.00
C ARG A 101 14.08 5.68 -20.09
N PRO A 102 13.15 4.69 -20.00
CA PRO A 102 13.56 3.29 -19.93
C PRO A 102 14.52 2.86 -21.05
N LYS A 103 14.38 3.40 -22.25
CA LYS A 103 15.26 2.98 -23.36
C LYS A 103 16.73 3.31 -23.00
N ALA A 104 16.97 4.41 -22.29
CA ALA A 104 18.34 4.85 -21.89
C ALA A 104 18.93 3.89 -20.86
N HIS A 105 18.12 2.99 -20.30
CA HIS A 105 18.53 2.06 -19.22
C HIS A 105 18.32 0.60 -19.65
N ILE A 106 18.16 0.32 -20.94
CA ILE A 106 17.68 -1.02 -21.35
C ILE A 106 18.71 -2.09 -20.95
N ASP A 107 20.01 -1.79 -20.95
CA ASP A 107 21.02 -2.81 -20.55
C ASP A 107 20.79 -3.23 -19.10
N PHE A 108 20.41 -2.30 -18.23
CA PHE A 108 20.15 -2.55 -16.80
C PHE A 108 18.84 -3.36 -16.61
N ILE A 109 17.78 -3.10 -17.37
N ILE A 109 17.82 -3.04 -17.41
CA ILE A 109 16.46 -3.74 -17.07
CA ILE A 109 16.42 -3.52 -17.29
C ILE A 109 16.18 -4.94 -17.98
C ILE A 109 16.29 -4.92 -17.94
N ARG A 110 16.88 -5.06 -19.13
CA ARG A 110 16.56 -6.13 -20.12
C ARG A 110 16.47 -7.50 -19.45
N PRO A 111 17.39 -7.90 -18.55
CA PRO A 111 17.35 -9.26 -18.00
C PRO A 111 16.09 -9.54 -17.18
N TYR A 112 15.36 -8.48 -16.79
CA TYR A 112 14.21 -8.57 -15.87
C TYR A 112 12.88 -8.44 -16.61
N LEU A 113 12.92 -8.21 -17.93
CA LEU A 113 11.68 -8.13 -18.73
C LEU A 113 11.04 -9.51 -18.78
N PRO A 114 9.70 -9.61 -18.71
CA PRO A 114 9.06 -10.92 -18.80
C PRO A 114 9.18 -11.46 -20.23
N GLN A 115 9.15 -12.79 -20.37
CA GLN A 115 9.22 -13.47 -21.69
C GLN A 115 7.99 -13.14 -22.53
N LYS A 116 6.80 -13.01 -21.91
N LYS A 116 6.82 -12.99 -21.92
CA LYS A 116 5.51 -12.74 -22.59
CA LYS A 116 5.55 -12.71 -22.64
C LYS A 116 4.97 -11.39 -22.12
C LYS A 116 4.95 -11.40 -22.13
N TYR A 117 4.31 -10.65 -23.01
CA TYR A 117 3.55 -9.42 -22.67
C TYR A 117 4.47 -8.41 -21.97
N SER A 118 5.70 -8.27 -22.47
CA SER A 118 6.65 -7.27 -21.94
C SER A 118 6.19 -5.88 -22.37
N PRO A 119 6.26 -4.85 -21.48
CA PRO A 119 6.01 -3.48 -21.91
C PRO A 119 7.07 -2.90 -22.85
N LEU A 120 8.27 -3.50 -22.84
CA LEU A 120 9.41 -3.06 -23.66
C LEU A 120 9.93 -4.20 -24.52
N GLN A 121 10.37 -3.84 -25.72
CA GLN A 121 11.13 -4.74 -26.62
C GLN A 121 12.57 -4.85 -26.11
N ASP A 122 13.34 -5.81 -26.64
CA ASP A 122 14.74 -6.01 -26.17
C ASP A 122 15.60 -4.78 -26.52
N ASN A 123 15.23 -3.98 -27.52
CA ASN A 123 15.99 -2.75 -27.88
C ASN A 123 15.58 -1.55 -27.00
N GLY A 124 14.62 -1.73 -26.10
CA GLY A 124 14.17 -0.66 -25.18
C GLY A 124 13.01 0.14 -25.73
N ASN A 125 12.58 -0.07 -26.97
CA ASN A 125 11.35 0.58 -27.49
C ASN A 125 10.13 0.00 -26.77
N GLY A 126 9.16 0.84 -26.47
CA GLY A 126 7.89 0.37 -25.93
C GLY A 126 7.11 -0.48 -26.93
N ASN A 127 6.35 -1.43 -26.42
CA ASN A 127 5.34 -2.19 -27.18
C ASN A 127 4.03 -1.40 -27.24
N GLN A 128 3.34 -1.47 -28.37
CA GLN A 128 2.07 -0.75 -28.56
C GLN A 128 0.91 -1.56 -27.95
N ALA A 129 0.61 -1.30 -26.69
CA ALA A 129 -0.54 -1.88 -25.96
C ALA A 129 -0.70 -1.07 -24.67
N TYR A 130 -1.78 -1.28 -23.95
CA TYR A 130 -2.15 -0.36 -22.85
C TYR A 130 -1.59 -0.78 -21.49
N LEU A 131 -1.86 -1.99 -21.04
CA LEU A 131 -1.63 -2.35 -19.62
C LEU A 131 -0.90 -3.68 -19.53
N PHE A 132 0.25 -3.67 -18.87
CA PHE A 132 1.16 -4.83 -18.73
C PHE A 132 1.41 -5.11 -17.26
N SER A 133 1.41 -6.39 -16.91
CA SER A 133 1.93 -6.86 -15.61
C SER A 133 3.43 -6.61 -15.54
N VAL A 134 3.91 -6.10 -14.41
CA VAL A 134 5.36 -5.88 -14.18
C VAL A 134 5.80 -6.85 -13.08
N PRO A 135 6.71 -7.81 -13.39
CA PRO A 135 7.22 -8.69 -12.35
C PRO A 135 7.89 -7.89 -11.22
N HIS A 136 7.88 -8.43 -10.01
CA HIS A 136 8.41 -7.72 -8.82
C HIS A 136 9.89 -7.36 -9.03
N GLU A 137 10.68 -8.24 -9.65
N GLU A 137 10.67 -8.26 -9.64
CA GLU A 137 12.13 -7.99 -9.84
CA GLU A 137 12.12 -8.02 -9.87
C GLU A 137 12.31 -6.82 -10.82
C GLU A 137 12.29 -6.81 -10.80
N LEU A 138 11.53 -6.77 -11.89
CA LEU A 138 11.59 -5.62 -12.84
C LEU A 138 11.17 -4.35 -12.09
N ALA A 139 10.11 -4.41 -11.28
CA ALA A 139 9.63 -3.21 -10.55
C ALA A 139 10.76 -2.67 -9.67
N SER A 140 11.48 -3.55 -8.99
N SER A 140 11.51 -3.54 -8.99
CA SER A 140 12.58 -3.14 -8.08
CA SER A 140 12.56 -3.09 -8.06
C SER A 140 13.59 -2.30 -8.89
C SER A 140 13.67 -2.34 -8.84
N LYS A 141 13.97 -2.82 -10.07
CA LYS A 141 14.98 -2.15 -10.93
C LYS A 141 14.47 -0.77 -11.34
N VAL A 142 13.22 -0.67 -11.77
CA VAL A 142 12.61 0.64 -12.14
C VAL A 142 12.66 1.58 -10.91
N VAL A 143 12.29 1.10 -9.74
CA VAL A 143 12.29 1.93 -8.52
C VAL A 143 13.72 2.40 -8.19
N GLU A 144 14.72 1.54 -8.38
N GLU A 144 14.73 1.54 -8.37
CA GLU A 144 16.15 1.88 -8.18
CA GLU A 144 16.14 1.92 -8.16
C GLU A 144 16.52 3.06 -9.10
C GLU A 144 16.49 3.09 -9.09
N LEU A 145 16.08 3.04 -10.36
CA LEU A 145 16.41 4.09 -11.33
C LEU A 145 15.69 5.40 -10.99
N ILE A 146 14.43 5.36 -10.58
CA ILE A 146 13.67 6.59 -10.28
C ILE A 146 14.25 7.24 -9.03
N GLY A 147 14.48 6.44 -7.98
CA GLY A 147 15.00 6.94 -6.70
C GLY A 147 13.94 7.04 -5.61
N SER A 148 14.26 7.80 -4.57
CA SER A 148 13.48 7.84 -3.30
C SER A 148 12.01 8.08 -3.58
N GLU A 149 11.68 8.98 -4.51
CA GLU A 149 10.24 9.37 -4.66
C GLU A 149 9.41 8.14 -5.04
N ALA A 150 9.94 7.18 -5.79
CA ALA A 150 9.20 5.94 -6.12
C ALA A 150 9.05 5.07 -4.87
N GLU A 151 10.11 4.92 -4.08
CA GLU A 151 10.05 4.13 -2.82
C GLU A 151 9.01 4.75 -1.89
N GLU A 152 8.91 6.06 -1.86
CA GLU A 152 7.97 6.76 -0.96
C GLU A 152 6.52 6.42 -1.30
N VAL A 153 6.21 6.16 -2.55
CA VAL A 153 4.82 5.81 -2.93
C VAL A 153 4.50 4.40 -2.45
N ILE A 154 5.50 3.52 -2.39
CA ILE A 154 5.27 2.06 -2.19
C ILE A 154 5.30 1.72 -0.70
N PHE A 155 6.43 1.95 -0.02
CA PHE A 155 6.70 1.34 1.30
C PHE A 155 5.97 2.09 2.42
N GLY A 156 5.03 1.42 3.09
CA GLY A 156 4.20 2.03 4.13
C GLY A 156 3.14 2.95 3.54
N PHE A 157 2.90 2.86 2.24
CA PHE A 157 1.88 3.71 1.57
C PHE A 157 1.07 2.77 0.67
N ALA A 158 1.44 2.56 -0.59
CA ALA A 158 0.68 1.66 -1.49
C ALA A 158 0.56 0.28 -0.83
N ASP A 159 1.64 -0.21 -0.23
CA ASP A 159 1.66 -1.62 0.24
C ASP A 159 0.83 -1.78 1.51
N THR A 160 0.25 -0.74 2.09
CA THR A 160 -0.66 -0.86 3.26
C THR A 160 -2.08 -1.20 2.79
N THR A 161 -2.45 -0.87 1.56
CA THR A 161 -3.86 -0.94 1.13
C THR A 161 -4.35 -2.38 1.17
N GLU A 162 -3.56 -3.35 0.70
CA GLU A 162 -4.04 -4.76 0.66
C GLU A 162 -4.24 -5.24 2.10
N ILE A 163 -3.51 -4.69 3.06
CA ILE A 163 -3.67 -5.07 4.50
C ILE A 163 -5.02 -4.55 4.98
N THR A 164 -5.35 -3.31 4.66
CA THR A 164 -6.66 -2.70 4.98
C THR A 164 -7.79 -3.52 4.33
N THR A 165 -7.62 -3.93 3.07
CA THR A 165 -8.63 -4.75 2.35
C THR A 165 -8.87 -6.06 3.12
N THR A 166 -7.81 -6.75 3.50
CA THR A 166 -7.86 -8.00 4.27
C THR A 166 -8.63 -7.74 5.56
N ALA A 167 -8.28 -6.68 6.30
CA ALA A 167 -8.89 -6.37 7.62
C ALA A 167 -10.39 -6.06 7.45
N ASP A 168 -10.76 -5.34 6.38
CA ASP A 168 -12.19 -5.05 6.05
C ASP A 168 -12.96 -6.36 5.84
N ALA A 169 -12.37 -7.32 5.15
CA ALA A 169 -13.03 -8.63 4.89
C ALA A 169 -13.21 -9.37 6.21
N ILE A 170 -12.21 -9.30 7.10
CA ILE A 170 -12.27 -10.02 8.40
C ILE A 170 -13.40 -9.39 9.23
N GLU A 171 -13.50 -8.07 9.21
CA GLU A 171 -14.55 -7.33 9.94
C GLU A 171 -15.93 -7.83 9.47
N CYS A 172 -16.11 -8.03 8.16
N CYS A 172 -16.10 -8.04 8.16
CA CYS A 172 -17.35 -8.61 7.57
CA CYS A 172 -17.33 -8.59 7.53
C CYS A 172 -17.57 -10.03 8.10
C CYS A 172 -17.59 -10.02 8.04
N GLN A 173 -16.55 -10.88 8.07
CA GLN A 173 -16.64 -12.27 8.59
C GLN A 173 -17.10 -12.24 10.05
N ILE A 174 -16.51 -11.36 10.87
CA ILE A 174 -16.86 -11.30 12.32
C ILE A 174 -18.34 -10.95 12.47
N SER A 175 -18.78 -9.92 11.76
CA SER A 175 -20.16 -9.37 11.83
C SER A 175 -21.17 -10.47 11.44
N ASN A 176 -20.75 -11.50 10.69
CA ASN A 176 -21.65 -12.58 10.20
C ASN A 176 -21.37 -13.94 10.86
N ASP A 177 -20.48 -14.01 11.86
CA ASP A 177 -20.05 -15.29 12.49
C ASP A 177 -21.05 -15.68 13.59
N ALA A 178 -21.77 -16.79 13.41
CA ALA A 178 -22.88 -17.20 14.31
C ALA A 178 -22.33 -17.79 15.61
N SER A 179 -21.04 -18.16 15.65
CA SER A 179 -20.40 -18.78 16.83
C SER A 179 -20.02 -17.73 17.88
N ILE A 180 -20.16 -16.44 17.61
N ILE A 180 -20.22 -16.44 17.57
CA ILE A 180 -19.83 -15.42 18.65
CA ILE A 180 -19.83 -15.26 18.41
C ILE A 180 -21.05 -14.51 18.89
C ILE A 180 -21.10 -14.51 18.87
N ASP A 181 -21.17 -14.09 20.14
CA ASP A 181 -22.33 -13.31 20.61
C ASP A 181 -22.17 -11.85 20.17
N GLU A 182 -23.26 -11.12 20.26
CA GLU A 182 -23.35 -9.74 19.74
C GLU A 182 -22.32 -8.87 20.45
N THR A 183 -22.17 -9.00 21.76
CA THR A 183 -21.18 -8.17 22.48
C THR A 183 -19.78 -8.43 21.93
N GLU A 184 -19.42 -9.70 21.76
N GLU A 184 -19.42 -9.70 21.75
CA GLU A 184 -18.07 -10.05 21.26
CA GLU A 184 -18.05 -10.03 21.27
C GLU A 184 -17.88 -9.34 19.90
C GLU A 184 -17.87 -9.36 19.90
N LYS A 185 -18.85 -9.52 18.98
N LYS A 185 -18.87 -9.52 19.00
CA LYS A 185 -18.76 -8.90 17.63
CA LYS A 185 -18.79 -8.91 17.64
C LYS A 185 -18.46 -7.41 17.79
C LYS A 185 -18.48 -7.42 17.78
N HIS A 186 -19.21 -6.72 18.64
CA HIS A 186 -19.02 -5.26 18.83
C HIS A 186 -17.59 -4.99 19.31
N GLN A 187 -17.11 -5.76 20.29
N GLN A 187 -17.16 -5.73 20.34
CA GLN A 187 -15.79 -5.49 20.94
CA GLN A 187 -15.83 -5.59 21.00
C GLN A 187 -14.67 -5.80 19.95
C GLN A 187 -14.74 -5.78 19.94
N LEU A 188 -14.83 -6.85 19.16
CA LEU A 188 -13.79 -7.20 18.15
C LEU A 188 -13.70 -6.11 17.09
N VAL A 189 -14.83 -5.60 16.61
CA VAL A 189 -14.85 -4.52 15.58
C VAL A 189 -14.25 -3.22 16.16
N LYS A 190 -14.64 -2.84 17.37
N LYS A 190 -14.61 -2.85 17.37
CA LYS A 190 -14.09 -1.62 18.01
CA LYS A 190 -14.08 -1.60 17.99
C LYS A 190 -12.55 -1.78 18.17
C LYS A 190 -12.55 -1.75 18.21
N SER A 191 -12.11 -2.96 18.62
CA SER A 191 -10.68 -3.19 18.92
C SER A 191 -9.81 -2.86 17.69
N ARG A 192 -10.35 -3.02 16.48
CA ARG A 192 -9.58 -2.72 15.26
C ARG A 192 -9.14 -1.24 15.25
N ARG A 193 -9.98 -0.38 15.81
N ARG A 193 -9.97 -0.35 15.79
CA ARG A 193 -9.78 1.10 15.86
CA ARG A 193 -9.68 1.10 15.82
C ARG A 193 -9.22 1.52 17.23
C ARG A 193 -9.25 1.51 17.23
N GLY A 194 -8.73 0.58 18.03
CA GLY A 194 -8.20 0.89 19.37
C GLY A 194 -9.26 1.42 20.32
N GLN A 195 -10.48 0.93 20.19
CA GLN A 195 -11.61 1.35 21.05
C GLN A 195 -12.20 0.14 21.78
N GLY A 196 -13.02 0.45 22.77
CA GLY A 196 -13.78 -0.56 23.50
C GLY A 196 -12.95 -1.22 24.58
N ILE A 197 -13.29 -2.44 24.90
CA ILE A 197 -12.68 -3.14 26.05
C ILE A 197 -11.17 -3.31 25.82
N PHE A 198 -10.72 -3.42 24.57
CA PHE A 198 -9.27 -3.50 24.29
C PHE A 198 -8.55 -2.29 24.86
N ARG A 199 -9.08 -1.09 24.62
CA ARG A 199 -8.42 0.16 25.08
C ARG A 199 -8.41 0.16 26.61
N SER A 200 -9.52 -0.19 27.25
CA SER A 200 -9.60 -0.18 28.73
C SER A 200 -8.60 -1.19 29.30
N ARG A 201 -8.52 -2.37 28.70
CA ARG A 201 -7.57 -3.42 29.17
C ARG A 201 -6.13 -2.94 28.96
N LEU A 202 -5.81 -2.33 27.83
CA LEU A 202 -4.45 -1.82 27.56
C LEU A 202 -4.09 -0.77 28.61
N GLU A 203 -5.04 0.06 29.03
CA GLU A 203 -4.80 1.14 30.01
C GLU A 203 -4.49 0.57 31.40
N GLN A 204 -4.78 -0.70 31.67
CA GLN A 204 -4.39 -1.35 32.95
C GLN A 204 -2.92 -1.80 32.88
N VAL A 205 -2.32 -1.87 31.69
CA VAL A 205 -0.94 -2.38 31.48
C VAL A 205 0.01 -1.22 31.18
N GLU A 206 -0.37 -0.37 30.23
CA GLU A 206 0.44 0.76 29.74
C GLU A 206 -0.23 2.08 30.15
N SER A 207 0.57 3.13 30.34
CA SER A 207 0.05 4.44 30.79
C SER A 207 0.58 5.60 29.94
N ARG A 208 1.56 5.36 29.06
N ARG A 208 1.55 5.36 29.06
CA ARG A 208 2.20 6.44 28.29
CA ARG A 208 2.15 6.45 28.26
C ARG A 208 2.70 5.87 26.94
C ARG A 208 2.69 5.88 26.93
N CYS A 209 3.03 6.85 26.05
CA CYS A 209 3.80 6.57 24.82
C CYS A 209 5.20 6.14 25.24
N ARG A 210 5.59 4.92 24.84
N ARG A 210 5.66 4.95 24.84
CA ARG A 210 6.93 4.32 25.09
CA ARG A 210 6.98 4.45 25.29
C ARG A 210 8.01 5.33 24.69
C ARG A 210 8.11 5.21 24.60
N VAL A 211 7.83 5.93 23.51
CA VAL A 211 8.88 6.72 22.81
C VAL A 211 8.86 8.17 23.25
N THR A 212 7.71 8.84 23.33
CA THR A 212 7.64 10.30 23.58
C THR A 212 7.29 10.62 25.04
N GLY A 213 6.81 9.63 25.80
CA GLY A 213 6.49 9.79 27.22
C GLY A 213 5.15 10.48 27.47
N VAL A 214 4.41 10.84 26.42
CA VAL A 214 3.10 11.54 26.63
C VAL A 214 2.14 10.59 27.36
N GLN A 215 1.47 11.09 28.40
N GLN A 215 1.48 11.06 28.42
CA GLN A 215 0.54 10.32 29.27
CA GLN A 215 0.53 10.24 29.21
C GLN A 215 -0.91 10.66 28.93
C GLN A 215 -0.90 10.80 29.09
N LEU A 216 -1.13 11.75 28.17
CA LEU A 216 -2.46 12.37 28.00
C LEU A 216 -3.30 11.48 27.07
N LYS A 217 -4.43 10.98 27.55
CA LYS A 217 -5.22 9.95 26.84
C LYS A 217 -5.63 10.44 25.45
N ASN A 218 -5.90 11.73 25.33
CA ASN A 218 -6.42 12.34 24.07
C ASN A 218 -5.29 12.53 23.05
N HIS A 219 -4.05 12.18 23.36
CA HIS A 219 -2.92 12.30 22.41
C HIS A 219 -2.27 10.95 22.19
N LEU A 220 -2.96 9.86 22.54
CA LEU A 220 -2.43 8.49 22.46
C LEU A 220 -3.37 7.61 21.65
N ILE A 221 -2.77 6.77 20.81
N ILE A 221 -2.78 6.74 20.85
CA ILE A 221 -3.45 5.71 20.03
CA ILE A 221 -3.51 5.70 20.06
C ILE A 221 -3.23 4.38 20.75
C ILE A 221 -3.24 4.34 20.66
N ALA A 222 -4.29 3.58 20.91
CA ALA A 222 -4.20 2.19 21.40
C ALA A 222 -3.87 1.32 20.20
N SER A 223 -2.61 0.95 20.05
N SER A 223 -2.60 1.02 20.01
CA SER A 223 -2.08 0.17 18.91
CA SER A 223 -2.06 0.17 18.93
C SER A 223 -1.93 -1.30 19.31
C SER A 223 -2.13 -1.29 19.38
N HIS A 224 -2.30 -2.23 18.44
CA HIS A 224 -2.00 -3.66 18.66
C HIS A 224 -0.50 -3.86 18.42
N ILE A 225 0.10 -4.86 19.07
CA ILE A 225 1.49 -5.27 18.75
C ILE A 225 1.45 -6.30 17.63
N LYS A 226 0.85 -7.45 17.88
CA LYS A 226 0.47 -8.40 16.82
C LYS A 226 -0.76 -7.82 16.12
N PRO A 227 -0.69 -7.53 14.81
CA PRO A 227 -1.76 -6.78 14.16
C PRO A 227 -3.14 -7.41 14.35
N TRP A 228 -4.15 -6.55 14.39
CA TRP A 228 -5.56 -6.97 14.57
C TRP A 228 -5.92 -8.03 13.52
N ALA A 229 -5.50 -7.84 12.27
CA ALA A 229 -5.89 -8.72 11.13
C ALA A 229 -5.42 -10.15 11.35
N VAL A 230 -4.25 -10.36 11.96
CA VAL A 230 -3.68 -11.74 12.11
C VAL A 230 -3.84 -12.24 13.55
N SER A 231 -4.30 -11.41 14.48
CA SER A 231 -4.62 -11.82 15.86
C SER A 231 -5.88 -12.70 15.84
N ASN A 232 -5.96 -13.69 16.73
CA ASN A 232 -7.22 -14.43 16.98
C ASN A 232 -8.10 -13.55 17.88
N ASN A 233 -9.30 -14.00 18.20
CA ASN A 233 -10.29 -13.14 18.90
C ASN A 233 -9.79 -12.85 20.32
N GLN A 234 -9.13 -13.82 20.98
CA GLN A 234 -8.55 -13.58 22.32
C GLN A 234 -7.46 -12.51 22.21
N GLU A 235 -6.58 -12.62 21.23
CA GLU A 235 -5.42 -11.70 21.05
C GLU A 235 -5.92 -10.29 20.68
N ARG A 236 -7.03 -10.18 19.96
CA ARG A 236 -7.60 -8.88 19.54
C ARG A 236 -8.04 -8.07 20.77
N LEU A 237 -8.45 -8.74 21.84
CA LEU A 237 -8.98 -8.04 23.04
C LEU A 237 -8.01 -8.13 24.21
N ASP A 238 -6.78 -8.57 23.98
CA ASP A 238 -5.76 -8.76 25.05
C ASP A 238 -5.08 -7.41 25.30
N GLY A 239 -5.19 -6.90 26.53
CA GLY A 239 -4.50 -5.69 27.01
C GLY A 239 -2.98 -5.79 26.89
N HIS A 240 -2.42 -7.00 26.85
CA HIS A 240 -0.96 -7.22 26.71
C HIS A 240 -0.56 -7.21 25.23
N ASN A 241 -1.52 -7.21 24.30
CA ASN A 241 -1.24 -7.11 22.85
C ASN A 241 -1.42 -5.66 22.40
N GLY A 242 -0.79 -4.71 23.07
CA GLY A 242 -0.93 -3.31 22.66
C GLY A 242 0.11 -2.41 23.26
N LEU A 243 0.23 -1.21 22.66
CA LEU A 243 0.99 -0.09 23.24
C LEU A 243 0.16 1.17 23.06
N LEU A 244 0.29 2.10 23.99
CA LEU A 244 -0.23 3.47 23.83
C LEU A 244 0.88 4.25 23.14
N LEU A 245 0.61 4.83 21.98
CA LEU A 245 1.66 5.51 21.18
C LEU A 245 1.14 6.85 20.70
N ALA A 246 2.00 7.86 20.70
CA ALA A 246 1.72 9.13 20.00
C ALA A 246 1.46 8.79 18.53
N PRO A 247 0.64 9.58 17.83
CA PRO A 247 0.19 9.21 16.47
C PRO A 247 1.29 8.99 15.42
N HIS A 248 2.36 9.75 15.50
CA HIS A 248 3.52 9.57 14.59
C HIS A 248 4.27 8.29 14.93
N VAL A 249 4.37 7.95 16.21
CA VAL A 249 5.05 6.70 16.64
C VAL A 249 4.15 5.53 16.26
N ASP A 250 2.84 5.67 16.45
CA ASP A 250 1.86 4.65 16.01
C ASP A 250 2.06 4.36 14.51
N HIS A 251 2.17 5.42 13.71
CA HIS A 251 2.41 5.33 12.25
C HIS A 251 3.68 4.52 11.98
N LEU A 252 4.78 4.85 12.64
CA LEU A 252 6.08 4.16 12.37
C LEU A 252 5.98 2.70 12.81
N PHE A 253 5.36 2.43 13.96
CA PHE A 253 5.31 1.06 14.52
C PHE A 253 4.36 0.17 13.72
N ASP A 254 3.16 0.69 13.46
N ASP A 254 3.15 0.68 13.43
CA ASP A 254 2.08 -0.06 12.76
CA ASP A 254 2.09 -0.11 12.76
C ASP A 254 2.56 -0.51 11.38
C ASP A 254 2.56 -0.55 11.37
N LYS A 255 3.36 0.32 10.70
N LYS A 255 3.35 0.27 10.69
CA LYS A 255 3.83 0.06 9.31
CA LYS A 255 3.81 -0.01 9.31
C LYS A 255 5.18 -0.66 9.32
C LYS A 255 5.16 -0.74 9.33
N GLY A 256 5.80 -0.87 10.49
CA GLY A 256 7.03 -1.66 10.62
C GLY A 256 8.27 -0.89 10.21
N PHE A 257 8.20 0.45 10.22
CA PHE A 257 9.39 1.31 10.08
C PHE A 257 10.26 1.21 11.34
N ILE A 258 9.64 0.94 12.49
CA ILE A 258 10.38 0.63 13.75
C ILE A 258 9.76 -0.63 14.37
N SER A 259 10.54 -1.26 15.24
CA SER A 259 10.05 -2.32 16.14
C SER A 259 10.88 -2.21 17.42
N PHE A 260 10.76 -3.18 18.30
CA PHE A 260 11.52 -3.18 19.58
C PHE A 260 12.04 -4.57 19.88
N GLU A 261 13.25 -4.62 20.46
CA GLU A 261 13.77 -5.83 21.12
C GLU A 261 12.97 -6.03 22.42
N ASP A 262 13.01 -7.25 22.96
CA ASP A 262 12.34 -7.63 24.24
C ASP A 262 12.80 -6.72 25.39
N ASN A 263 14.04 -6.22 25.34
CA ASN A 263 14.62 -5.35 26.41
C ASN A 263 14.27 -3.87 26.17
N GLY A 264 13.51 -3.56 25.11
CA GLY A 264 13.06 -2.19 24.83
C GLY A 264 13.94 -1.45 23.82
N GLU A 265 14.99 -2.06 23.29
CA GLU A 265 15.85 -1.36 22.32
C GLU A 265 15.02 -1.11 21.05
N MET A 266 14.93 0.14 20.60
CA MET A 266 14.25 0.45 19.32
C MET A 266 15.08 -0.15 18.18
N ILE A 267 14.40 -0.81 17.24
CA ILE A 267 14.98 -1.33 15.98
C ILE A 267 14.47 -0.43 14.86
N VAL A 268 15.35 0.08 14.01
CA VAL A 268 14.99 1.00 12.91
C VAL A 268 15.15 0.24 11.58
N SER A 269 14.10 0.23 10.77
CA SER A 269 14.10 -0.43 9.44
C SER A 269 15.05 0.31 8.49
N GLU A 270 15.68 -0.43 7.58
CA GLU A 270 16.46 0.15 6.45
C GLU A 270 15.52 0.98 5.55
N LYS A 271 14.22 0.71 5.59
CA LYS A 271 13.21 1.45 4.79
C LYS A 271 12.79 2.74 5.49
N LEU A 272 13.25 3.00 6.71
CA LEU A 272 13.00 4.29 7.38
C LEU A 272 14.14 5.25 7.06
N ASN A 273 13.82 6.32 6.34
CA ASN A 273 14.74 7.46 6.13
C ASN A 273 14.98 8.10 7.51
N LEU A 274 16.24 8.12 7.97
N LEU A 274 16.24 8.16 7.95
CA LEU A 274 16.62 8.59 9.33
CA LEU A 274 16.60 8.67 9.29
C LEU A 274 16.25 10.07 9.50
C LEU A 274 16.23 10.16 9.41
N ASP A 275 16.08 10.80 8.37
N ASP A 275 16.11 10.87 8.26
CA ASP A 275 15.72 12.24 8.38
CA ASP A 275 15.63 12.28 8.21
C ASP A 275 14.30 12.42 8.96
C ASP A 275 14.33 12.40 9.03
N VAL A 276 13.49 11.35 8.99
CA VAL A 276 12.16 11.37 9.67
C VAL A 276 12.38 11.44 11.18
N LEU A 277 13.26 10.59 11.71
CA LEU A 277 13.54 10.59 13.18
C LEU A 277 14.13 11.93 13.61
N LYS A 278 14.98 12.53 12.76
N LYS A 278 14.97 12.54 12.76
CA LYS A 278 15.58 13.85 13.06
CA LYS A 278 15.58 13.85 13.06
C LYS A 278 14.47 14.91 13.08
C LYS A 278 14.48 14.92 13.07
N ALA A 279 13.62 14.95 12.04
CA ALA A 279 12.56 15.96 11.89
C ALA A 279 11.59 15.91 13.07
N TRP A 280 11.33 14.71 13.61
CA TRP A 280 10.35 14.52 14.69
C TRP A 280 11.05 14.36 16.03
N SER A 281 12.37 14.56 16.10
CA SER A 281 13.16 14.50 17.36
C SER A 281 12.86 13.20 18.11
N ILE A 282 13.00 12.06 17.42
CA ILE A 282 12.90 10.69 18.00
C ILE A 282 14.31 10.10 18.05
N SER A 283 14.80 9.76 19.23
CA SER A 283 16.16 9.18 19.43
C SER A 283 16.10 7.67 19.29
N GLN A 284 17.13 7.07 18.70
CA GLN A 284 17.36 5.61 18.85
C GLN A 284 17.71 5.38 20.33
N GLY A 285 17.61 4.14 20.78
CA GLY A 285 17.97 3.78 22.16
C GLY A 285 16.94 2.87 22.78
N ASN A 286 16.88 2.88 24.11
CA ASN A 286 16.14 1.86 24.90
C ASN A 286 14.89 2.49 25.49
N TYR A 287 13.75 1.82 25.33
CA TYR A 287 12.42 2.34 25.70
C TYR A 287 11.73 1.41 26.71
N GLY A 288 12.53 0.69 27.50
CA GLY A 288 12.05 -0.03 28.70
C GLY A 288 11.71 -1.46 28.37
N TYR A 289 11.93 -2.38 29.31
CA TYR A 289 11.62 -3.82 29.13
C TYR A 289 10.13 -3.97 28.85
N PHE A 290 9.78 -5.00 28.07
CA PHE A 290 8.40 -5.48 27.88
C PHE A 290 8.18 -6.69 28.79
N SER A 291 6.93 -6.90 29.19
CA SER A 291 6.49 -8.07 29.97
C SER A 291 6.62 -9.32 29.08
N LYS A 292 6.67 -10.51 29.70
N LYS A 292 6.67 -10.51 29.69
CA LYS A 292 6.76 -11.80 28.97
CA LYS A 292 6.78 -11.80 28.94
C LYS A 292 5.59 -11.91 27.98
C LYS A 292 5.59 -11.92 27.98
N GLN A 293 4.39 -11.55 28.40
CA GLN A 293 3.17 -11.60 27.55
C GLN A 293 3.34 -10.65 26.36
N GLN A 294 3.85 -9.44 26.61
CA GLN A 294 4.08 -8.42 25.55
C GLN A 294 5.17 -8.92 24.60
N GLN A 295 6.20 -9.58 25.14
CA GLN A 295 7.36 -10.07 24.33
C GLN A 295 6.90 -11.08 23.28
N GLU A 296 5.95 -11.95 23.61
CA GLU A 296 5.39 -12.97 22.68
C GLU A 296 4.83 -12.26 21.45
N TYR A 297 4.11 -11.17 21.67
CA TYR A 297 3.52 -10.38 20.56
C TYR A 297 4.62 -9.60 19.85
N MET A 298 5.57 -9.04 20.59
CA MET A 298 6.63 -8.19 19.98
C MET A 298 7.52 -9.06 19.09
N CYS A 299 7.71 -10.34 19.46
CA CYS A 299 8.43 -11.32 18.61
C CYS A 299 7.72 -11.41 17.26
N TYR A 300 6.39 -11.57 17.27
CA TYR A 300 5.58 -11.64 16.03
C TYR A 300 5.82 -10.36 15.21
N HIS A 301 5.78 -9.19 15.85
CA HIS A 301 5.97 -7.88 15.15
C HIS A 301 7.37 -7.83 14.50
N ARG A 302 8.42 -8.17 15.23
CA ARG A 302 9.81 -8.15 14.68
C ARG A 302 9.91 -9.08 13.46
N GLU A 303 9.24 -10.23 13.51
CA GLU A 303 9.42 -11.32 12.50
C GLU A 303 8.49 -11.12 11.30
N ASN A 304 7.42 -10.34 11.41
CA ASN A 304 6.35 -10.31 10.37
C ASN A 304 5.96 -8.89 9.96
N VAL A 305 6.07 -7.89 10.83
CA VAL A 305 5.59 -6.51 10.54
C VAL A 305 6.79 -5.62 10.20
N PHE A 306 7.82 -5.66 11.03
CA PHE A 306 9.07 -4.88 10.84
C PHE A 306 9.58 -5.08 9.41
N LYS A 307 9.91 -3.98 8.74
CA LYS A 307 10.34 -4.03 7.31
C LYS A 307 11.84 -4.37 7.23
N LYS A 308 12.17 -5.52 6.65
CA LYS A 308 13.59 -5.85 6.39
C LYS A 308 13.79 -6.03 4.89
N LEU A 309 15.01 -5.78 4.43
CA LEU A 309 15.41 -5.85 3.00
C LEU A 309 15.15 -7.27 2.48
#